data_1YM1
#
_entry.id   1YM1
#
_cell.length_a   45.120
_cell.length_b   106.717
_cell.length_c   47.718
_cell.angle_alpha   90.00
_cell.angle_beta   101.89
_cell.angle_gamma   90.00
#
_symmetry.space_group_name_H-M   'P 1 21 1'
#
loop_
_entity.id
_entity.type
_entity.pdbx_description
1 polymer 'beta-lactamase CTX-M-9a'
2 non-polymer 'PHOSPHATE ION'
3 non-polymer '(1R)-1-(2-THIENYLACETYLAMINO)-1-(3-CARBOXYPHENYL)METHYLBORONIC ACID'
4 water water
#
_entity_poly.entity_id   1
_entity_poly.type   'polypeptide(L)'
_entity_poly.pdbx_seq_one_letter_code
;QTSAVQQKLAALEKSSGGRLGVALIDTADNTQVLYRGDERFPMCSTSKVMAAAAVLKQSETQKQLLNQPVEIKPADLVNY
NPIAEKHVNGTMTLAELSAAALQYSDNTAMNKLIAQLGGPGGVTAFARAIGDETFRLDRTEPTLNTAIPGDPRDTTTPRA
MAQTLRQLTLGHALGETQRAQLVTWLKGNTTGAASIRAGLPTSWTAGDKTGSGDYGTTNDIAVIWPQGRAPLVLVTYFTQ
PQQNAESRRDVLASAARIIAEGL
;
_entity_poly.pdbx_strand_id   A,B
#
loop_
_chem_comp.id
_chem_comp.type
_chem_comp.name
_chem_comp.formula
PO4 non-polymer 'PHOSPHATE ION' 'O4 P -3'
SM2 non-polymer '(1R)-1-(2-THIENYLACETYLAMINO)-1-(3-CARBOXYPHENYL)METHYLBORONIC ACID' 'C14 H14 B N O5 S'
#
# COMPACT_ATOMS: atom_id res chain seq x y z
N GLN A 1 3.42 5.62 1.81
N GLN A 1 4.59 5.99 0.65
CA GLN A 1 3.79 4.34 1.20
CA GLN A 1 3.69 4.88 0.96
C GLN A 1 2.87 3.97 0.05
C GLN A 1 2.98 4.36 -0.28
N THR A 2 3.44 3.28 -0.92
CA THR A 2 2.76 2.78 -2.11
C THR A 2 2.76 1.25 -2.00
N SER A 3 1.55 0.68 -1.94
CA SER A 3 1.36 -0.74 -1.82
C SER A 3 1.37 -1.40 -3.20
N ALA A 4 1.47 -2.72 -3.19
CA ALA A 4 1.41 -3.47 -4.44
C ALA A 4 0.07 -3.23 -5.13
N VAL A 5 -1.02 -3.18 -4.35
CA VAL A 5 -2.33 -2.94 -4.97
C VAL A 5 -2.38 -1.54 -5.57
N GLN A 6 -1.84 -0.54 -4.88
CA GLN A 6 -1.81 0.82 -5.44
C GLN A 6 -0.95 0.89 -6.69
N GLN A 7 0.17 0.17 -6.75
N GLN A 7 0.15 0.15 -6.71
CA GLN A 7 0.96 0.16 -7.97
CA GLN A 7 1.04 0.01 -7.85
C GLN A 7 0.21 -0.47 -9.13
C GLN A 7 0.34 -0.55 -9.08
N LYS A 8 -0.52 -1.55 -8.88
CA LYS A 8 -1.33 -2.15 -9.94
C LYS A 8 -2.41 -1.19 -10.43
N LEU A 9 -3.07 -0.49 -9.50
CA LEU A 9 -4.06 0.51 -9.90
C LEU A 9 -3.41 1.64 -10.70
N ALA A 10 -2.20 2.05 -10.35
CA ALA A 10 -1.49 3.06 -11.13
C ALA A 10 -1.19 2.58 -12.54
N ALA A 11 -0.84 1.30 -12.67
CA ALA A 11 -0.54 0.72 -13.97
C ALA A 11 -1.80 0.65 -14.82
N LEU A 12 -2.90 0.23 -14.21
CA LEU A 12 -4.19 0.26 -14.92
C LEU A 12 -4.51 1.65 -15.40
N GLU A 13 -4.35 2.62 -14.49
CA GLU A 13 -4.69 3.99 -14.82
C GLU A 13 -3.82 4.48 -15.99
N LYS A 14 -2.53 4.18 -15.93
CA LYS A 14 -1.64 4.62 -17.00
C LYS A 14 -2.10 4.11 -18.36
N SER A 15 -2.49 2.84 -18.44
CA SER A 15 -2.90 2.24 -19.69
C SER A 15 -4.28 2.73 -20.16
N SER A 16 -5.08 3.27 -19.27
CA SER A 16 -6.45 3.69 -19.52
C SER A 16 -6.56 5.05 -20.20
N GLY A 17 -5.55 5.88 -20.02
CA GLY A 17 -5.55 7.26 -20.48
C GLY A 17 -6.23 8.28 -19.61
N GLY A 18 -6.98 7.84 -18.61
CA GLY A 18 -7.77 8.71 -17.78
C GLY A 18 -7.25 8.85 -16.37
N ARG A 19 -8.17 9.23 -15.49
CA ARG A 19 -7.88 9.42 -14.07
C ARG A 19 -8.83 8.54 -13.26
N LEU A 20 -8.26 7.68 -12.45
CA LEU A 20 -8.93 6.66 -11.66
C LEU A 20 -8.88 6.97 -10.16
N GLY A 21 -10.01 6.84 -9.50
CA GLY A 21 -10.06 7.00 -8.05
C GLY A 21 -10.73 5.78 -7.44
N VAL A 22 -10.13 5.22 -6.40
CA VAL A 22 -10.61 4.01 -5.75
C VAL A 22 -10.58 4.17 -4.24
N ALA A 23 -11.62 3.70 -3.58
CA ALA A 23 -11.60 3.55 -2.13
C ALA A 23 -12.32 2.26 -1.74
N LEU A 24 -11.60 1.42 -1.01
CA LEU A 24 -12.09 0.21 -0.41
C LEU A 24 -12.14 0.38 1.11
N ILE A 25 -13.23 -0.05 1.73
CA ILE A 25 -13.25 -0.35 3.14
C ILE A 25 -13.57 -1.84 3.30
N ASP A 26 -12.67 -2.56 3.95
CA ASP A 26 -12.90 -3.97 4.28
C ASP A 26 -13.46 -4.01 5.71
N THR A 27 -14.74 -4.35 5.85
CA THR A 27 -15.30 -4.34 7.22
C THR A 27 -14.85 -5.54 8.03
N ALA A 28 -14.07 -6.48 7.50
CA ALA A 28 -13.43 -7.52 8.31
C ALA A 28 -12.48 -6.94 9.35
N ASP A 29 -11.79 -5.86 9.01
CA ASP A 29 -10.82 -5.21 9.88
C ASP A 29 -10.86 -3.68 9.87
N ASN A 30 -11.79 -3.06 9.13
CA ASN A 30 -11.95 -1.63 8.92
C ASN A 30 -10.79 -1.01 8.14
N THR A 31 -9.95 -1.83 7.55
CA THR A 31 -8.84 -1.29 6.79
C THR A 31 -9.32 -0.75 5.44
N GLN A 32 -8.51 0.16 4.92
CA GLN A 32 -8.85 0.86 3.71
C GLN A 32 -7.72 0.76 2.69
N VAL A 33 -8.11 0.76 1.43
CA VAL A 33 -7.17 0.88 0.32
C VAL A 33 -7.67 2.04 -0.54
N LEU A 34 -6.80 3.00 -0.82
CA LEU A 34 -7.16 4.20 -1.55
C LEU A 34 -6.19 4.44 -2.69
N TYR A 35 -6.74 4.92 -3.78
CA TYR A 35 -5.98 5.37 -4.94
C TYR A 35 -6.62 6.68 -5.35
N ARG A 36 -5.86 7.75 -5.30
CA ARG A 36 -6.41 9.10 -5.48
C ARG A 36 -7.61 9.32 -4.58
N GLY A 37 -7.53 8.83 -3.33
CA GLY A 37 -8.69 8.75 -2.49
C GLY A 37 -9.22 10.10 -2.02
N ASP A 38 -8.39 11.13 -2.06
CA ASP A 38 -8.78 12.46 -1.64
C ASP A 38 -8.87 13.43 -2.80
N GLU A 39 -8.83 12.96 -4.03
CA GLU A 39 -9.10 13.78 -5.20
C GLU A 39 -10.58 13.79 -5.51
N ARG A 40 -11.07 14.91 -6.05
CA ARG A 40 -12.47 15.02 -6.41
C ARG A 40 -12.74 14.46 -7.80
N PHE A 41 -13.90 13.86 -7.91
CA PHE A 41 -14.43 13.29 -9.13
C PHE A 41 -15.90 13.67 -9.30
N PRO A 42 -16.37 13.84 -10.52
CA PRO A 42 -17.80 14.06 -10.73
C PRO A 42 -18.55 12.79 -10.38
N MET A 43 -19.59 12.91 -9.55
CA MET A 43 -20.36 11.77 -9.12
C MET A 43 -21.29 11.16 -10.18
N CYS A 44 -21.82 12.02 -11.03
CA CYS A 44 -22.88 11.65 -11.96
C CYS A 44 -23.97 10.89 -11.21
N SER A 45 -24.55 9.84 -11.76
CA SER A 45 -25.70 9.20 -11.14
C SER A 45 -25.39 8.47 -9.83
N THR A 46 -24.13 8.36 -9.42
CA THR A 46 -23.88 7.76 -8.11
C THR A 46 -24.45 8.65 -6.99
N SER A 47 -24.69 9.94 -7.27
CA SER A 47 -25.33 10.83 -6.32
C SER A 47 -26.77 10.44 -6.00
N LYS A 48 -27.40 9.61 -6.83
N LYS A 48 -27.39 9.60 -6.82
CA LYS A 48 -28.76 9.16 -6.56
CA LYS A 48 -28.76 9.16 -6.56
C LYS A 48 -28.84 8.42 -5.22
C LYS A 48 -28.86 8.33 -5.29
N VAL A 49 -27.77 7.73 -4.82
CA VAL A 49 -27.78 7.03 -3.53
C VAL A 49 -28.00 8.02 -2.39
N MET A 50 -27.31 9.15 -2.41
CA MET A 50 -27.46 10.12 -1.33
C MET A 50 -28.86 10.72 -1.30
N ALA A 51 -29.42 10.99 -2.47
CA ALA A 51 -30.78 11.56 -2.54
C ALA A 51 -31.80 10.56 -2.03
N ALA A 52 -31.73 9.30 -2.49
CA ALA A 52 -32.67 8.28 -2.03
C ALA A 52 -32.54 8.09 -0.52
N ALA A 53 -31.31 8.05 -0.01
CA ALA A 53 -31.07 7.90 1.41
C ALA A 53 -31.65 9.07 2.20
N ALA A 54 -31.56 10.29 1.68
CA ALA A 54 -32.10 11.46 2.36
C ALA A 54 -33.61 11.38 2.49
N VAL A 55 -34.28 10.92 1.45
CA VAL A 55 -35.73 10.70 1.50
C VAL A 55 -36.07 9.58 2.46
N LEU A 56 -35.29 8.49 2.48
CA LEU A 56 -35.49 7.46 3.51
C LEU A 56 -35.37 8.05 4.89
N LYS A 57 -34.39 8.91 5.12
CA LYS A 57 -34.27 9.53 6.44
C LYS A 57 -35.53 10.32 6.77
N GLN A 58 -36.04 11.12 5.84
CA GLN A 58 -37.29 11.85 6.07
C GLN A 58 -38.43 10.91 6.41
N SER A 59 -38.47 9.74 5.78
CA SER A 59 -39.55 8.78 6.01
C SER A 59 -39.52 8.21 7.42
N GLU A 60 -38.43 8.34 8.16
CA GLU A 60 -38.40 7.81 9.53
C GLU A 60 -39.38 8.55 10.43
N THR A 61 -39.69 9.80 10.09
CA THR A 61 -40.62 10.56 10.92
C THR A 61 -41.95 10.79 10.20
N GLN A 62 -42.09 10.22 9.00
CA GLN A 62 -43.35 10.20 8.27
C GLN A 62 -43.62 8.85 7.61
N LYS A 63 -44.38 8.03 8.29
CA LYS A 63 -44.59 6.63 7.95
C LYS A 63 -45.20 6.48 6.56
N GLN A 64 -45.94 7.49 6.10
CA GLN A 64 -46.58 7.41 4.81
C GLN A 64 -45.85 8.15 3.71
N LEU A 65 -44.68 8.72 4.01
CA LEU A 65 -44.02 9.54 2.98
C LEU A 65 -43.71 8.78 1.70
N LEU A 66 -43.29 7.52 1.83
CA LEU A 66 -42.88 6.78 0.63
C LEU A 66 -44.08 6.43 -0.24
N ASN A 67 -45.30 6.54 0.30
CA ASN A 67 -46.51 6.34 -0.47
C ASN A 67 -47.12 7.64 -1.02
N GLN A 68 -46.48 8.77 -0.75
CA GLN A 68 -46.90 10.08 -1.24
C GLN A 68 -46.77 10.19 -2.75
N PRO A 69 -47.86 10.51 -3.42
CA PRO A 69 -47.81 10.65 -4.88
C PRO A 69 -47.17 11.97 -5.29
N VAL A 70 -46.40 11.89 -6.37
CA VAL A 70 -45.75 13.03 -7.00
C VAL A 70 -46.21 13.11 -8.44
N GLU A 71 -46.71 14.26 -8.86
CA GLU A 71 -47.17 14.43 -10.23
C GLU A 71 -45.97 14.41 -11.18
N ILE A 72 -46.11 13.65 -12.26
CA ILE A 72 -45.16 13.67 -13.36
C ILE A 72 -45.80 14.36 -14.56
N LYS A 73 -45.23 15.46 -15.00
CA LYS A 73 -45.76 16.19 -16.15
C LYS A 73 -44.82 16.04 -17.34
N PRO A 74 -45.35 16.22 -18.54
CA PRO A 74 -44.51 16.20 -19.74
C PRO A 74 -43.26 17.06 -19.61
N ALA A 75 -43.35 18.22 -19.00
CA ALA A 75 -42.20 19.11 -18.89
C ALA A 75 -41.16 18.57 -17.91
N ASP A 76 -41.51 17.56 -17.12
CA ASP A 76 -40.55 17.03 -16.15
C ASP A 76 -39.56 16.05 -16.77
N LEU A 77 -39.93 15.59 -17.96
CA LEU A 77 -39.05 14.62 -18.61
C LEU A 77 -37.74 15.32 -19.01
N VAL A 78 -36.64 14.62 -18.82
CA VAL A 78 -35.32 15.11 -19.20
C VAL A 78 -34.74 14.14 -20.21
N ASN A 79 -33.48 13.74 -20.08
CA ASN A 79 -32.82 13.05 -21.18
C ASN A 79 -32.94 11.54 -21.08
N TYR A 80 -33.19 11.01 -19.89
CA TYR A 80 -33.19 9.57 -19.67
C TYR A 80 -34.19 9.25 -18.57
N ASN A 81 -35.36 8.75 -18.95
N ASN A 81 -35.35 8.72 -18.93
CA ASN A 81 -36.55 8.69 -18.12
CA ASN A 81 -36.36 8.56 -17.88
C ASN A 81 -37.32 7.40 -18.34
C ASN A 81 -37.28 7.43 -18.28
N PRO A 82 -36.70 6.22 -18.34
CA PRO A 82 -37.44 5.05 -18.84
C PRO A 82 -38.63 4.68 -17.98
N ILE A 83 -38.58 4.98 -16.68
CA ILE A 83 -39.73 4.68 -15.83
C ILE A 83 -40.70 5.87 -15.79
N ALA A 84 -40.20 7.07 -15.56
CA ALA A 84 -41.07 8.23 -15.42
C ALA A 84 -41.90 8.49 -16.66
N GLU A 85 -41.37 8.24 -17.87
CA GLU A 85 -42.18 8.56 -19.04
C GLU A 85 -43.43 7.69 -19.12
N LYS A 86 -43.46 6.54 -18.46
CA LYS A 86 -44.67 5.71 -18.43
C LYS A 86 -45.78 6.32 -17.58
N HIS A 87 -45.45 7.29 -16.74
CA HIS A 87 -46.35 7.86 -15.75
C HIS A 87 -46.64 9.34 -15.98
N VAL A 88 -46.22 9.87 -17.13
CA VAL A 88 -46.53 11.27 -17.44
C VAL A 88 -48.04 11.46 -17.43
N ASN A 89 -48.44 12.59 -16.87
CA ASN A 89 -49.82 13.00 -16.67
C ASN A 89 -50.47 12.16 -15.57
N GLY A 90 -49.65 11.40 -14.84
CA GLY A 90 -50.08 10.71 -13.65
C GLY A 90 -49.16 10.96 -12.48
N THR A 91 -49.03 9.98 -11.61
CA THR A 91 -48.24 10.13 -10.38
C THR A 91 -47.35 8.91 -10.19
N MET A 92 -46.28 9.13 -9.46
CA MET A 92 -45.43 8.09 -8.90
C MET A 92 -45.22 8.38 -7.41
N THR A 93 -45.15 7.34 -6.58
CA THR A 93 -44.85 7.58 -5.18
C THR A 93 -43.36 7.81 -4.98
N LEU A 94 -43.00 8.37 -3.82
CA LEU A 94 -41.57 8.55 -3.54
C LEU A 94 -40.84 7.21 -3.46
N ALA A 95 -41.46 6.11 -3.04
CA ALA A 95 -40.83 4.80 -3.14
C ALA A 95 -40.56 4.45 -4.60
N GLU A 96 -41.55 4.65 -5.47
CA GLU A 96 -41.40 4.33 -6.88
C GLU A 96 -40.31 5.17 -7.52
N LEU A 97 -40.24 6.45 -7.13
CA LEU A 97 -39.20 7.34 -7.66
C LEU A 97 -37.82 6.92 -7.17
N SER A 98 -37.71 6.52 -5.91
CA SER A 98 -36.45 6.02 -5.36
C SER A 98 -35.99 4.77 -6.09
N ALA A 99 -36.90 3.82 -6.28
CA ALA A 99 -36.56 2.57 -6.97
C ALA A 99 -36.16 2.86 -8.40
N ALA A 100 -36.87 3.74 -9.08
CA ALA A 100 -36.55 4.05 -10.49
C ALA A 100 -35.21 4.73 -10.60
N ALA A 101 -34.96 5.71 -9.72
CA ALA A 101 -33.67 6.38 -9.71
C ALA A 101 -32.53 5.41 -9.48
N LEU A 102 -32.65 4.55 -8.48
CA LEU A 102 -31.55 3.69 -8.11
C LEU A 102 -31.38 2.52 -9.05
N GLN A 103 -32.45 1.86 -9.46
CA GLN A 103 -32.33 0.58 -10.17
C GLN A 103 -32.29 0.75 -11.68
N TYR A 104 -32.81 1.84 -12.21
CA TYR A 104 -32.81 2.13 -13.64
C TYR A 104 -32.07 3.42 -13.96
N SER A 105 -31.62 4.16 -12.98
CA SER A 105 -30.92 5.44 -13.17
C SER A 105 -31.81 6.49 -13.84
N ASP A 106 -33.11 6.45 -13.55
CA ASP A 106 -34.05 7.41 -14.11
C ASP A 106 -33.77 8.83 -13.60
N ASN A 107 -33.53 9.74 -14.54
CA ASN A 107 -33.13 11.08 -14.19
C ASN A 107 -34.29 11.98 -13.76
N THR A 108 -35.47 11.78 -14.34
CA THR A 108 -36.67 12.46 -13.86
C THR A 108 -36.95 12.07 -12.41
N ALA A 109 -36.82 10.77 -12.13
CA ALA A 109 -37.02 10.30 -10.75
C ALA A 109 -36.06 11.00 -9.79
N MET A 110 -34.78 11.06 -10.14
CA MET A 110 -33.82 11.80 -9.32
C MET A 110 -34.26 13.24 -9.10
N ASN A 111 -34.71 13.94 -10.14
CA ASN A 111 -35.12 15.33 -9.95
C ASN A 111 -36.28 15.47 -8.97
N LYS A 112 -37.19 14.50 -8.95
CA LYS A 112 -38.26 14.54 -7.96
C LYS A 112 -37.73 14.29 -6.55
N LEU A 113 -36.74 13.42 -6.39
CA LEU A 113 -36.10 13.27 -5.07
C LEU A 113 -35.45 14.57 -4.63
N ILE A 114 -34.71 15.20 -5.54
CA ILE A 114 -34.05 16.46 -5.21
C ILE A 114 -35.09 17.50 -4.82
N ALA A 115 -36.19 17.60 -5.53
CA ALA A 115 -37.23 18.56 -5.22
C ALA A 115 -37.84 18.30 -3.85
N GLN A 116 -38.06 17.04 -3.51
CA GLN A 116 -38.59 16.68 -2.20
C GLN A 116 -37.68 17.15 -1.08
N LEU A 117 -36.39 17.22 -1.36
CA LEU A 117 -35.38 17.62 -0.40
C LEU A 117 -35.08 19.11 -0.42
N GLY A 118 -35.78 19.87 -1.26
CA GLY A 118 -35.63 21.32 -1.33
C GLY A 118 -34.57 21.83 -2.27
N GLY A 119 -34.11 21.00 -3.18
CA GLY A 119 -33.09 21.39 -4.14
C GLY A 119 -31.79 20.66 -3.88
N PRO A 120 -30.82 20.81 -4.78
CA PRO A 120 -29.53 20.10 -4.60
C PRO A 120 -28.91 20.28 -3.23
N GLY A 121 -28.96 21.48 -2.67
CA GLY A 121 -28.39 21.74 -1.36
C GLY A 121 -29.06 20.97 -0.25
N GLY A 122 -30.31 20.53 -0.43
CA GLY A 122 -30.91 19.64 0.54
C GLY A 122 -30.26 18.27 0.61
N VAL A 123 -29.76 17.80 -0.54
CA VAL A 123 -29.01 16.55 -0.57
C VAL A 123 -27.67 16.75 0.15
N THR A 124 -26.98 17.85 -0.14
CA THR A 124 -25.75 18.18 0.58
C THR A 124 -25.98 18.28 2.07
N ALA A 125 -27.08 18.93 2.48
CA ALA A 125 -27.39 19.05 3.90
C ALA A 125 -27.50 17.69 4.59
N PHE A 126 -28.12 16.73 3.93
CA PHE A 126 -28.23 15.39 4.48
C PHE A 126 -26.84 14.76 4.60
N ALA A 127 -26.02 14.90 3.57
CA ALA A 127 -24.64 14.40 3.66
C ALA A 127 -23.94 14.95 4.88
N ARG A 128 -24.07 16.27 5.11
CA ARG A 128 -23.39 16.87 6.26
C ARG A 128 -23.94 16.30 7.55
N ALA A 129 -25.24 16.06 7.62
CA ALA A 129 -25.89 15.52 8.81
C ALA A 129 -25.43 14.12 9.16
N ILE A 130 -24.92 13.36 8.21
CA ILE A 130 -24.38 12.03 8.51
C ILE A 130 -22.86 12.00 8.45
N GLY A 131 -22.22 13.17 8.57
CA GLY A 131 -20.79 13.26 8.79
C GLY A 131 -19.95 13.33 7.54
N ASP A 132 -20.56 13.49 6.37
CA ASP A 132 -19.85 13.63 5.11
C ASP A 132 -19.66 15.12 4.82
N GLU A 133 -18.44 15.62 4.98
CA GLU A 133 -18.07 17.02 4.81
C GLU A 133 -17.59 17.31 3.39
N THR A 134 -17.59 16.32 2.52
CA THR A 134 -16.94 16.38 1.20
C THR A 134 -17.94 16.45 0.05
N PHE A 135 -18.95 15.60 0.11
CA PHE A 135 -19.98 15.54 -0.89
C PHE A 135 -20.55 16.91 -1.17
N ARG A 136 -20.81 17.22 -2.44
CA ARG A 136 -21.65 18.39 -2.75
C ARG A 136 -22.48 18.10 -4.00
N LEU A 137 -23.77 18.37 -3.88
CA LEU A 137 -24.67 18.39 -5.03
C LEU A 137 -25.09 19.84 -5.28
N ASP A 138 -24.86 20.31 -6.49
CA ASP A 138 -25.04 21.70 -6.88
C ASP A 138 -26.11 21.91 -7.94
N ARG A 139 -26.40 20.88 -8.72
CA ARG A 139 -27.31 20.97 -9.86
C ARG A 139 -28.22 19.74 -9.89
N THR A 140 -29.27 19.86 -10.70
CA THR A 140 -30.19 18.79 -11.01
C THR A 140 -29.71 17.98 -12.21
N GLU A 141 -30.46 16.94 -12.55
CA GLU A 141 -30.28 16.24 -13.80
C GLU A 141 -30.86 17.03 -14.95
N PRO A 142 -30.23 17.06 -16.12
CA PRO A 142 -29.01 16.36 -16.45
C PRO A 142 -27.72 17.14 -16.30
N THR A 143 -27.77 18.40 -15.90
CA THR A 143 -26.53 19.19 -15.95
C THR A 143 -25.54 18.77 -14.86
N LEU A 144 -25.93 18.00 -13.85
CA LEU A 144 -24.94 17.51 -12.90
C LEU A 144 -23.93 16.56 -13.55
N ASN A 145 -24.13 16.13 -14.79
CA ASN A 145 -23.22 15.23 -15.48
C ASN A 145 -22.20 15.92 -16.39
N THR A 146 -22.08 17.24 -16.33
CA THR A 146 -21.13 17.88 -17.25
C THR A 146 -19.69 17.42 -17.01
N ALA A 147 -19.33 17.12 -15.77
CA ALA A 147 -18.10 16.40 -15.44
C ALA A 147 -16.86 17.13 -15.93
N ILE A 148 -16.88 18.46 -15.90
CA ILE A 148 -15.77 19.24 -16.46
C ILE A 148 -14.55 19.12 -15.56
N PRO A 149 -13.37 18.81 -16.11
CA PRO A 149 -12.18 18.70 -15.24
C PRO A 149 -11.98 19.98 -14.46
N GLY A 150 -11.66 19.84 -13.17
CA GLY A 150 -11.39 20.98 -12.30
C GLY A 150 -12.61 21.63 -11.69
N ASP A 151 -13.81 21.25 -12.13
CA ASP A 151 -15.04 21.86 -11.62
C ASP A 151 -15.44 21.15 -10.33
N PRO A 152 -15.60 21.83 -9.20
CA PRO A 152 -16.02 21.14 -7.97
C PRO A 152 -17.50 20.80 -7.92
N ARG A 153 -18.32 21.34 -8.82
CA ARG A 153 -19.75 21.08 -8.69
C ARG A 153 -20.04 19.60 -8.81
N ASP A 154 -20.93 19.09 -7.94
CA ASP A 154 -21.45 17.73 -8.10
C ASP A 154 -20.33 16.69 -8.02
N THR A 155 -19.41 16.91 -7.08
CA THR A 155 -18.27 16.04 -6.87
C THR A 155 -18.21 15.50 -5.44
N THR A 156 -17.44 14.43 -5.30
CA THR A 156 -16.97 13.99 -3.99
C THR A 156 -15.61 13.33 -4.17
N THR A 157 -15.04 12.80 -3.09
CA THR A 157 -13.82 12.01 -3.16
C THR A 157 -14.14 10.53 -2.95
N PRO A 158 -13.29 9.63 -3.47
CA PRO A 158 -13.53 8.20 -3.20
C PRO A 158 -13.59 7.90 -1.71
N ARG A 159 -12.67 8.45 -0.91
CA ARG A 159 -12.66 8.18 0.53
C ARG A 159 -13.99 8.55 1.18
N ALA A 160 -14.49 9.75 0.86
CA ALA A 160 -15.69 10.25 1.50
C ALA A 160 -16.88 9.37 1.12
N MET A 161 -16.98 9.03 -0.19
CA MET A 161 -18.15 8.27 -0.61
C MET A 161 -18.13 6.84 -0.07
N ALA A 162 -16.96 6.23 0.06
CA ALA A 162 -16.91 4.89 0.64
C ALA A 162 -17.36 4.94 2.10
N GLN A 163 -16.88 5.92 2.85
N GLN A 163 -16.88 5.93 2.84
CA GLN A 163 -17.27 6.03 4.26
CA GLN A 163 -17.23 6.08 4.24
C GLN A 163 -18.78 6.20 4.36
C GLN A 163 -18.74 6.29 4.42
N THR A 164 -19.31 7.11 3.56
CA THR A 164 -20.75 7.37 3.61
C THR A 164 -21.55 6.15 3.20
N LEU A 165 -21.11 5.47 2.14
CA LEU A 165 -21.86 4.30 1.70
C LEU A 165 -21.86 3.23 2.79
N ARG A 166 -20.75 3.08 3.50
CA ARG A 166 -20.69 2.16 4.61
C ARG A 166 -21.70 2.54 5.70
N GLN A 167 -21.72 3.81 6.08
CA GLN A 167 -22.64 4.26 7.13
C GLN A 167 -24.10 4.06 6.76
N LEU A 168 -24.43 4.30 5.48
CA LEU A 168 -25.79 4.15 4.98
C LEU A 168 -26.25 2.71 4.89
N THR A 169 -25.37 1.80 4.44
CA THR A 169 -25.81 0.45 4.10
C THR A 169 -25.49 -0.59 5.17
N LEU A 170 -24.46 -0.36 5.95
CA LEU A 170 -24.01 -1.29 6.97
C LEU A 170 -24.04 -0.69 8.38
N GLY A 171 -23.99 0.63 8.52
CA GLY A 171 -23.99 1.33 9.78
C GLY A 171 -25.37 1.88 10.12
N HIS A 172 -25.32 2.96 10.90
CA HIS A 172 -26.55 3.43 11.53
C HIS A 172 -26.94 4.83 11.11
N ALA A 173 -26.53 5.26 9.92
CA ALA A 173 -26.98 6.57 9.43
C ALA A 173 -28.49 6.61 9.19
N LEU A 174 -29.05 5.48 8.85
CA LEU A 174 -30.48 5.31 8.69
C LEU A 174 -31.04 4.35 9.74
N GLY A 175 -32.34 4.44 9.97
CA GLY A 175 -33.00 3.43 10.80
C GLY A 175 -32.91 2.06 10.17
N GLU A 176 -33.13 1.01 10.96
CA GLU A 176 -32.93 -0.35 10.45
C GLU A 176 -33.81 -0.67 9.25
N THR A 177 -35.09 -0.30 9.30
CA THR A 177 -35.98 -0.59 8.18
C THR A 177 -35.52 0.11 6.91
N GLN A 178 -35.07 1.35 7.09
CA GLN A 178 -34.63 2.17 5.96
C GLN A 178 -33.32 1.67 5.37
N ARG A 179 -32.38 1.28 6.23
CA ARG A 179 -31.14 0.67 5.76
C ARG A 179 -31.45 -0.56 4.92
N ALA A 180 -32.32 -1.44 5.43
CA ALA A 180 -32.68 -2.65 4.70
C ALA A 180 -33.30 -2.29 3.35
N GLN A 181 -34.15 -1.27 3.32
CA GLN A 181 -34.75 -0.87 2.05
C GLN A 181 -33.71 -0.36 1.06
N LEU A 182 -32.76 0.45 1.53
CA LEU A 182 -31.69 0.91 0.65
C LEU A 182 -30.89 -0.26 0.09
N VAL A 183 -30.53 -1.22 0.94
CA VAL A 183 -29.77 -2.38 0.49
C VAL A 183 -30.59 -3.18 -0.51
N THR A 184 -31.87 -3.40 -0.25
CA THR A 184 -32.73 -4.10 -1.21
C THR A 184 -32.72 -3.42 -2.56
N TRP A 185 -32.84 -2.09 -2.55
CA TRP A 185 -32.83 -1.35 -3.82
C TRP A 185 -31.51 -1.52 -4.54
N LEU A 186 -30.39 -1.33 -3.87
CA LEU A 186 -29.08 -1.47 -4.49
C LEU A 186 -28.83 -2.86 -5.05
N LYS A 187 -29.24 -3.89 -4.31
CA LYS A 187 -29.05 -5.27 -4.77
C LYS A 187 -29.88 -5.57 -6.01
N GLY A 188 -30.97 -4.86 -6.23
CA GLY A 188 -31.78 -5.01 -7.43
C GLY A 188 -31.43 -4.08 -8.57
N ASN A 189 -30.28 -3.42 -8.49
CA ASN A 189 -29.85 -2.59 -9.61
C ASN A 189 -29.80 -3.38 -10.91
N THR A 190 -30.22 -2.76 -12.00
CA THR A 190 -30.17 -3.38 -13.30
C THR A 190 -28.94 -3.00 -14.12
N THR A 191 -28.21 -1.96 -13.72
CA THR A 191 -27.21 -1.36 -14.60
C THR A 191 -25.77 -1.75 -14.30
N GLY A 192 -25.50 -2.64 -13.35
CA GLY A 192 -24.19 -2.81 -12.80
C GLY A 192 -23.33 -3.95 -13.26
N ALA A 193 -23.81 -4.87 -14.10
CA ALA A 193 -23.04 -6.10 -14.33
C ALA A 193 -21.73 -5.91 -15.08
N ALA A 194 -21.53 -4.81 -15.77
CA ALA A 194 -20.30 -4.55 -16.50
C ALA A 194 -19.27 -3.77 -15.69
N SER A 195 -19.60 -3.35 -14.49
CA SER A 195 -18.75 -2.38 -13.77
C SER A 195 -18.04 -3.12 -12.64
N ILE A 196 -18.11 -2.67 -11.39
CA ILE A 196 -17.41 -3.36 -10.31
C ILE A 196 -17.70 -4.85 -10.29
N ARG A 197 -18.95 -5.20 -10.48
CA ARG A 197 -19.33 -6.62 -10.32
C ARG A 197 -18.66 -7.51 -11.34
N ALA A 198 -18.32 -6.97 -12.50
CA ALA A 198 -17.64 -7.75 -13.53
C ALA A 198 -16.23 -8.17 -13.10
N GLY A 199 -15.65 -7.47 -12.13
CA GLY A 199 -14.33 -7.82 -11.65
C GLY A 199 -14.31 -8.73 -10.44
N LEU A 200 -15.47 -9.09 -9.91
CA LEU A 200 -15.59 -9.92 -8.73
C LEU A 200 -15.92 -11.38 -9.08
N PRO A 201 -15.52 -12.31 -8.23
CA PRO A 201 -15.93 -13.69 -8.43
C PRO A 201 -17.44 -13.82 -8.44
N THR A 202 -17.95 -14.76 -9.22
N THR A 202 -17.94 -14.76 -9.23
CA THR A 202 -19.38 -14.90 -9.46
CA THR A 202 -19.37 -14.91 -9.47
C THR A 202 -20.14 -15.19 -8.18
C THR A 202 -20.13 -15.18 -8.17
N SER A 203 -19.49 -15.97 -7.33
CA SER A 203 -20.06 -16.36 -6.04
C SER A 203 -20.35 -15.20 -5.12
N TRP A 204 -19.67 -14.07 -5.34
CA TRP A 204 -19.90 -12.92 -4.47
C TRP A 204 -21.23 -12.28 -4.83
N THR A 205 -21.85 -11.62 -3.84
CA THR A 205 -23.02 -10.85 -4.18
C THR A 205 -22.79 -9.38 -3.87
N ALA A 206 -23.56 -8.52 -4.48
CA ALA A 206 -23.33 -7.08 -4.30
C ALA A 206 -24.58 -6.29 -4.63
N GLY A 207 -24.58 -5.06 -4.11
CA GLY A 207 -25.49 -4.05 -4.61
C GLY A 207 -24.68 -2.85 -5.06
N ASP A 208 -25.15 -2.12 -6.06
CA ASP A 208 -24.30 -1.05 -6.58
C ASP A 208 -25.17 0.04 -7.21
N LYS A 209 -24.55 1.19 -7.41
CA LYS A 209 -25.11 2.26 -8.22
C LYS A 209 -24.04 2.80 -9.17
N THR A 210 -24.29 2.72 -10.46
CA THR A 210 -23.41 3.23 -11.50
C THR A 210 -23.63 4.72 -11.73
N GLY A 211 -22.67 5.32 -12.45
CA GLY A 211 -22.90 6.63 -13.01
C GLY A 211 -22.11 6.80 -14.29
N SER A 212 -22.60 7.67 -15.14
CA SER A 212 -21.95 8.01 -16.39
C SER A 212 -22.20 9.47 -16.70
N GLY A 213 -21.26 10.11 -17.37
CA GLY A 213 -21.45 11.51 -17.73
C GLY A 213 -20.48 11.89 -18.84
N ASP A 214 -20.38 13.20 -19.07
CA ASP A 214 -19.45 13.68 -20.08
C ASP A 214 -18.02 13.42 -19.63
N TYR A 215 -17.05 13.71 -20.49
CA TYR A 215 -15.65 13.40 -20.24
C TYR A 215 -15.46 11.92 -20.00
N GLY A 216 -16.32 11.11 -20.64
CA GLY A 216 -16.17 9.66 -20.50
C GLY A 216 -16.24 9.19 -19.06
N THR A 217 -16.97 9.93 -18.23
CA THR A 217 -16.97 9.65 -16.80
C THR A 217 -17.76 8.36 -16.59
N THR A 218 -17.16 7.44 -15.87
CA THR A 218 -17.67 6.10 -15.69
C THR A 218 -17.43 5.71 -14.22
N ASN A 219 -18.50 5.56 -13.46
CA ASN A 219 -18.40 5.41 -12.01
C ASN A 219 -19.22 4.23 -11.51
N ASP A 220 -18.88 3.75 -10.32
CA ASP A 220 -19.69 2.74 -9.64
C ASP A 220 -19.36 2.78 -8.16
N ILE A 221 -20.38 2.61 -7.34
CA ILE A 221 -20.20 2.48 -5.90
C ILE A 221 -20.97 1.24 -5.45
N ALA A 222 -20.36 0.41 -4.61
CA ALA A 222 -20.92 -0.89 -4.31
C ALA A 222 -20.70 -1.29 -2.85
N VAL A 223 -21.68 -2.05 -2.37
CA VAL A 223 -21.54 -2.82 -1.14
C VAL A 223 -21.50 -4.28 -1.56
N ILE A 224 -20.51 -5.00 -1.06
CA ILE A 224 -20.19 -6.32 -1.56
C ILE A 224 -20.14 -7.33 -0.42
N TRP A 225 -20.76 -8.49 -0.61
CA TRP A 225 -20.70 -9.60 0.32
C TRP A 225 -19.87 -10.72 -0.30
N PRO A 226 -18.57 -10.75 -0.04
CA PRO A 226 -17.75 -11.80 -0.67
C PRO A 226 -18.09 -13.16 -0.04
N GLN A 227 -17.82 -14.20 -0.81
N GLN A 227 -17.86 -14.23 -0.80
CA GLN A 227 -17.85 -15.57 -0.31
CA GLN A 227 -18.10 -15.56 -0.26
C GLN A 227 -17.02 -15.69 0.97
C GLN A 227 -17.12 -15.87 0.89
N GLY A 228 -17.66 -15.99 2.09
CA GLY A 228 -16.93 -16.39 3.28
C GLY A 228 -16.33 -15.25 4.06
N ARG A 229 -16.75 -13.99 3.80
CA ARG A 229 -16.23 -12.98 4.72
C ARG A 229 -17.10 -11.75 4.80
N ALA A 230 -16.67 -10.87 5.70
CA ALA A 230 -17.39 -9.66 6.02
C ALA A 230 -17.49 -8.74 4.81
N PRO A 231 -18.55 -7.94 4.76
CA PRO A 231 -18.76 -7.08 3.60
C PRO A 231 -17.64 -6.08 3.36
N LEU A 232 -17.55 -5.69 2.08
CA LEU A 232 -16.70 -4.64 1.59
C LEU A 232 -17.55 -3.48 1.09
N VAL A 233 -17.01 -2.28 1.15
CA VAL A 233 -17.55 -1.14 0.41
C VAL A 233 -16.47 -0.71 -0.56
N LEU A 234 -16.84 -0.52 -1.83
CA LEU A 234 -15.89 -0.17 -2.87
C LEU A 234 -16.46 0.92 -3.77
N VAL A 235 -15.69 1.98 -3.94
CA VAL A 235 -16.00 3.06 -4.87
C VAL A 235 -14.92 3.10 -5.94
N THR A 236 -15.33 3.16 -7.19
CA THR A 236 -14.45 3.29 -8.34
C THR A 236 -14.97 4.42 -9.24
N TYR A 237 -14.20 5.49 -9.37
CA TYR A 237 -14.51 6.64 -10.20
C TYR A 237 -13.49 6.76 -11.32
N PHE A 238 -13.94 7.13 -12.50
CA PHE A 238 -13.03 7.24 -13.65
C PHE A 238 -13.51 8.37 -14.55
N THR A 239 -12.57 9.21 -14.98
CA THR A 239 -12.91 10.32 -15.87
C THR A 239 -11.76 10.57 -16.83
N GLN A 240 -12.05 11.14 -17.99
CA GLN A 240 -11.12 11.21 -19.11
C GLN A 240 -10.94 12.63 -19.61
N PRO A 241 -9.88 12.90 -20.36
CA PRO A 241 -9.60 14.28 -20.73
C PRO A 241 -10.46 14.91 -21.81
N GLN A 242 -11.13 14.15 -22.67
CA GLN A 242 -11.92 14.73 -23.74
C GLN A 242 -13.41 14.64 -23.43
N GLN A 243 -14.13 15.73 -23.74
CA GLN A 243 -15.55 15.81 -23.37
C GLN A 243 -16.37 14.67 -23.96
N ASN A 244 -16.03 14.22 -25.16
CA ASN A 244 -16.82 13.18 -25.83
C ASN A 244 -16.21 11.79 -25.70
N ALA A 245 -15.36 11.59 -24.70
CA ALA A 245 -14.78 10.25 -24.50
C ALA A 245 -15.83 9.17 -24.28
N GLU A 246 -15.54 7.95 -24.68
N GLU A 246 -15.49 7.96 -24.66
CA GLU A 246 -16.47 6.84 -24.53
CA GLU A 246 -16.24 6.73 -24.51
C GLU A 246 -16.39 6.24 -23.13
C GLU A 246 -16.39 6.31 -23.05
N SER A 247 -17.47 5.64 -22.67
CA SER A 247 -17.53 4.97 -21.38
C SER A 247 -16.48 3.87 -21.29
N ARG A 248 -15.95 3.64 -20.09
CA ARG A 248 -14.96 2.60 -19.84
C ARG A 248 -15.29 1.79 -18.61
N ARG A 249 -16.43 1.07 -18.67
CA ARG A 249 -16.81 0.24 -17.53
C ARG A 249 -15.78 -0.85 -17.29
N ASP A 250 -15.08 -1.28 -18.35
CA ASP A 250 -14.04 -2.28 -18.19
C ASP A 250 -12.93 -1.83 -17.26
N VAL A 251 -12.65 -0.54 -17.19
CA VAL A 251 -11.64 -0.04 -16.26
C VAL A 251 -12.09 -0.22 -14.82
N LEU A 252 -13.38 0.00 -14.55
CA LEU A 252 -13.92 -0.21 -13.21
C LEU A 252 -13.87 -1.68 -12.83
N ALA A 253 -14.23 -2.54 -13.78
CA ALA A 253 -14.11 -3.99 -13.57
C ALA A 253 -12.67 -4.38 -13.24
N SER A 254 -11.72 -3.81 -13.96
CA SER A 254 -10.30 -4.12 -13.73
C SER A 254 -9.84 -3.65 -12.36
N ALA A 255 -10.30 -2.47 -11.95
CA ALA A 255 -9.94 -1.98 -10.61
C ALA A 255 -10.50 -2.90 -9.53
N ALA A 256 -11.76 -3.30 -9.69
CA ALA A 256 -12.38 -4.20 -8.73
C ALA A 256 -11.66 -5.53 -8.66
N ARG A 257 -11.20 -6.04 -9.81
CA ARG A 257 -10.48 -7.31 -9.83
C ARG A 257 -9.15 -7.21 -9.07
N ILE A 258 -8.45 -6.09 -9.27
CA ILE A 258 -7.20 -5.85 -8.53
C ILE A 258 -7.48 -5.82 -7.03
N ILE A 259 -8.54 -5.12 -6.64
CA ILE A 259 -8.90 -5.07 -5.22
C ILE A 259 -9.24 -6.44 -4.66
N ALA A 260 -10.04 -7.21 -5.41
CA ALA A 260 -10.43 -8.54 -4.96
C ALA A 260 -9.22 -9.45 -4.80
N GLU A 261 -8.31 -9.38 -5.75
CA GLU A 261 -7.09 -10.19 -5.73
C GLU A 261 -6.14 -9.78 -4.62
N GLY A 262 -6.24 -8.55 -4.13
CA GLY A 262 -5.34 -8.05 -3.11
C GLY A 262 -5.83 -8.36 -1.70
N LEU A 263 -7.04 -8.91 -1.59
CA LEU A 263 -7.60 -9.35 -0.33
C LEU A 263 -7.04 -10.72 0.09
N ALA B 4 15.23 -13.15 31.73
CA ALA B 4 16.26 -12.22 32.16
C ALA B 4 16.71 -11.36 30.97
N VAL B 5 17.25 -12.02 29.95
CA VAL B 5 17.64 -11.28 28.75
C VAL B 5 16.41 -10.58 28.16
N GLN B 6 15.27 -11.25 28.21
CA GLN B 6 14.04 -10.64 27.73
C GLN B 6 13.64 -9.39 28.49
N GLN B 7 13.73 -9.45 29.82
CA GLN B 7 13.42 -8.29 30.64
C GLN B 7 14.34 -7.15 30.23
N LYS B 8 15.63 -7.46 30.04
CA LYS B 8 16.56 -6.37 29.76
C LYS B 8 16.34 -5.72 28.40
N LEU B 9 16.06 -6.53 27.37
CA LEU B 9 15.84 -5.97 26.06
C LEU B 9 14.54 -5.17 25.99
N ALA B 10 13.46 -5.66 26.58
CA ALA B 10 12.22 -4.88 26.68
C ALA B 10 12.44 -3.55 27.38
N ALA B 11 13.26 -3.54 28.43
CA ALA B 11 13.48 -2.30 29.17
C ALA B 11 14.30 -1.31 28.35
N LEU B 12 15.33 -1.82 27.67
CA LEU B 12 16.07 -0.97 26.74
C LEU B 12 15.14 -0.37 25.71
N GLU B 13 14.29 -1.21 25.11
CA GLU B 13 13.34 -0.68 24.13
C GLU B 13 12.47 0.41 24.72
N LYS B 14 11.90 0.17 25.91
CA LYS B 14 11.00 1.18 26.48
C LYS B 14 11.74 2.49 26.70
N SER B 15 12.97 2.42 27.20
CA SER B 15 13.79 3.61 27.44
C SER B 15 14.03 4.37 26.14
N SER B 16 14.23 3.63 25.06
CA SER B 16 14.61 4.14 23.77
C SER B 16 13.48 4.89 23.07
N GLY B 17 12.24 4.58 23.40
CA GLY B 17 11.08 5.17 22.74
C GLY B 17 10.71 4.58 21.40
N GLY B 18 11.50 3.64 20.89
CA GLY B 18 11.28 3.07 19.58
C GLY B 18 10.91 1.60 19.61
N ARG B 19 11.21 0.92 18.52
CA ARG B 19 10.89 -0.48 18.27
C ARG B 19 12.18 -1.21 17.93
N LEU B 20 12.54 -2.17 18.76
CA LEU B 20 13.81 -2.89 18.72
C LEU B 20 13.58 -4.34 18.30
N GLY B 21 14.38 -4.82 17.36
CA GLY B 21 14.35 -6.21 16.93
C GLY B 21 15.73 -6.81 17.09
N VAL B 22 15.80 -7.97 17.74
CA VAL B 22 17.07 -8.64 18.00
C VAL B 22 16.94 -10.11 17.63
N ALA B 23 17.94 -10.64 16.94
CA ALA B 23 18.06 -12.08 16.79
C ALA B 23 19.55 -12.47 16.92
N LEU B 24 19.81 -13.32 17.89
CA LEU B 24 21.10 -13.95 18.14
C LEU B 24 21.03 -15.42 17.74
N ILE B 25 22.05 -15.91 17.05
CA ILE B 25 22.33 -17.33 16.97
C ILE B 25 23.71 -17.57 17.58
N ASP B 26 23.73 -18.39 18.61
CA ASP B 26 25.02 -18.79 19.20
C ASP B 26 25.40 -20.13 18.57
N THR B 27 26.44 -20.16 17.74
CA THR B 27 26.77 -21.41 17.05
C THR B 27 27.50 -22.40 17.96
N ALA B 28 27.83 -22.05 19.19
CA ALA B 28 28.36 -23.05 20.12
C ALA B 28 27.34 -24.16 20.33
N ASP B 29 26.06 -23.80 20.38
CA ASP B 29 25.03 -24.76 20.72
C ASP B 29 23.71 -24.53 19.98
N ASN B 30 23.65 -23.69 18.98
CA ASN B 30 22.50 -23.31 18.18
C ASN B 30 21.41 -22.63 19.01
N THR B 31 21.72 -22.15 20.20
CA THR B 31 20.67 -21.42 20.92
C THR B 31 20.48 -20.04 20.30
N GLN B 32 19.34 -19.46 20.67
CA GLN B 32 18.88 -18.20 20.14
C GLN B 32 18.32 -17.29 21.21
N VAL B 33 18.47 -16.01 20.94
CA VAL B 33 17.76 -14.98 21.71
C VAL B 33 17.02 -14.16 20.66
N LEU B 34 15.72 -14.04 20.84
CA LEU B 34 14.88 -13.28 19.94
C LEU B 34 14.08 -12.24 20.70
N TYR B 35 14.00 -11.04 20.14
CA TYR B 35 13.15 -9.97 20.63
C TYR B 35 12.52 -9.31 19.41
N ARG B 36 11.19 -9.39 19.31
CA ARG B 36 10.50 -9.00 18.07
C ARG B 36 11.15 -9.68 16.87
N GLY B 37 11.53 -10.94 17.06
CA GLY B 37 12.32 -11.63 16.06
C GLY B 37 11.59 -11.92 14.76
N ASP B 38 10.26 -11.94 14.79
CA ASP B 38 9.45 -12.20 13.61
C ASP B 38 8.72 -10.97 13.08
N GLU B 39 9.00 -9.79 13.62
CA GLU B 39 8.46 -8.57 13.03
C GLU B 39 9.34 -8.09 11.88
N ARG B 40 8.71 -7.44 10.91
CA ARG B 40 9.47 -6.81 9.83
C ARG B 40 10.02 -5.46 10.26
N PHE B 41 11.23 -5.20 9.79
CA PHE B 41 11.95 -3.95 9.97
C PHE B 41 12.52 -3.51 8.63
N PRO B 42 12.59 -2.20 8.41
CA PRO B 42 13.29 -1.72 7.21
C PRO B 42 14.78 -2.02 7.34
N MET B 43 15.33 -2.68 6.32
CA MET B 43 16.73 -3.09 6.34
C MET B 43 17.74 -1.96 6.17
N CYS B 44 17.34 -0.99 5.39
CA CYS B 44 18.22 0.08 4.94
C CYS B 44 19.50 -0.53 4.41
N SER B 45 20.68 0.02 4.70
CA SER B 45 21.90 -0.46 4.04
C SER B 45 22.34 -1.84 4.48
N THR B 46 21.71 -2.47 5.47
CA THR B 46 22.07 -3.85 5.77
C THR B 46 21.74 -4.77 4.59
N SER B 47 20.85 -4.36 3.70
CA SER B 47 20.54 -5.09 2.48
C SER B 47 21.72 -5.20 1.54
N LYS B 48 22.74 -4.37 1.71
N LYS B 48 22.75 -4.38 1.70
CA LYS B 48 23.93 -4.45 0.85
CA LYS B 48 23.93 -4.45 0.85
C LYS B 48 24.58 -5.82 0.98
C LYS B 48 24.67 -5.76 1.02
N VAL B 49 24.50 -6.45 2.16
CA VAL B 49 25.10 -7.77 2.32
C VAL B 49 24.48 -8.77 1.36
N MET B 50 23.16 -8.77 1.21
CA MET B 50 22.50 -9.68 0.29
C MET B 50 22.90 -9.40 -1.15
N ALA B 51 22.98 -8.13 -1.52
CA ALA B 51 23.34 -7.79 -2.89
C ALA B 51 24.78 -8.21 -3.20
N ALA B 52 25.73 -7.96 -2.28
CA ALA B 52 27.12 -8.35 -2.51
C ALA B 52 27.21 -9.88 -2.57
N ALA B 53 26.50 -10.55 -1.67
CA ALA B 53 26.53 -12.02 -1.67
C ALA B 53 25.95 -12.58 -2.96
N ALA B 54 24.91 -11.95 -3.51
CA ALA B 54 24.31 -12.42 -4.76
C ALA B 54 25.31 -12.30 -5.90
N VAL B 55 26.09 -11.22 -5.96
CA VAL B 55 27.12 -11.08 -6.99
C VAL B 55 28.24 -12.09 -6.76
N LEU B 56 28.63 -12.32 -5.50
CA LEU B 56 29.58 -13.39 -5.22
C LEU B 56 29.10 -14.74 -5.74
N LYS B 57 27.82 -15.07 -5.51
CA LYS B 57 27.28 -16.31 -6.03
C LYS B 57 27.37 -16.34 -7.54
N GLN B 58 27.05 -15.24 -8.22
CA GLN B 58 27.18 -15.21 -9.67
C GLN B 58 28.63 -15.51 -10.09
N SER B 59 29.60 -14.97 -9.38
CA SER B 59 31.01 -15.13 -9.70
C SER B 59 31.48 -16.57 -9.50
N GLU B 60 30.70 -17.44 -8.86
CA GLU B 60 31.06 -18.85 -8.79
C GLU B 60 31.02 -19.54 -10.16
N THR B 61 30.22 -19.01 -11.07
CA THR B 61 30.11 -19.59 -12.41
C THR B 61 30.51 -18.62 -13.51
N GLN B 62 30.44 -17.32 -13.34
CA GLN B 62 31.02 -16.29 -14.25
C GLN B 62 32.32 -15.95 -13.57
N LYS B 63 33.33 -16.78 -13.82
N LYS B 63 33.34 -16.77 -13.82
CA LYS B 63 34.61 -16.67 -13.13
CA LYS B 63 34.61 -16.66 -13.12
C LYS B 63 35.35 -15.36 -13.15
C LYS B 63 35.37 -15.35 -13.15
N GLN B 64 35.19 -14.51 -14.15
CA GLN B 64 35.90 -13.22 -14.12
C GLN B 64 34.96 -12.08 -13.77
N LEU B 65 33.74 -12.37 -13.30
CA LEU B 65 32.75 -11.32 -13.13
C LEU B 65 33.22 -10.22 -12.19
N LEU B 66 33.93 -10.58 -11.13
CA LEU B 66 34.31 -9.56 -10.15
C LEU B 66 35.29 -8.55 -10.72
N ASN B 67 35.99 -8.89 -11.79
N ASN B 67 35.97 -8.89 -11.81
CA ASN B 67 36.95 -8.02 -12.42
CA ASN B 67 36.94 -7.99 -12.42
C ASN B 67 36.31 -7.14 -13.50
C ASN B 67 36.33 -7.19 -13.55
N GLN B 68 35.03 -7.34 -13.78
CA GLN B 68 34.35 -6.61 -14.85
C GLN B 68 34.25 -5.12 -14.55
N PRO B 69 34.72 -4.25 -15.44
CA PRO B 69 34.54 -2.81 -15.24
C PRO B 69 33.09 -2.39 -15.48
N VAL B 70 32.66 -1.47 -14.65
CA VAL B 70 31.32 -0.88 -14.67
C VAL B 70 31.48 0.63 -14.74
N GLU B 71 30.83 1.23 -15.73
CA GLU B 71 30.89 2.68 -15.90
C GLU B 71 30.17 3.39 -14.76
N ILE B 72 30.82 4.44 -14.26
CA ILE B 72 30.24 5.33 -13.26
C ILE B 72 30.03 6.69 -13.92
N LYS B 73 28.81 7.11 -14.12
CA LYS B 73 28.49 8.36 -14.79
C LYS B 73 28.07 9.41 -13.76
N PRO B 74 28.26 10.69 -14.03
CA PRO B 74 27.79 11.71 -13.09
C PRO B 74 26.32 11.53 -12.71
N ALA B 75 25.47 11.15 -13.63
CA ALA B 75 24.06 10.95 -13.39
C ALA B 75 23.77 9.81 -12.42
N ASP B 76 24.73 8.91 -12.23
CA ASP B 76 24.55 7.76 -11.34
C ASP B 76 24.70 8.09 -9.87
N LEU B 77 25.34 9.22 -9.55
CA LEU B 77 25.58 9.54 -8.15
C LEU B 77 24.24 9.85 -7.49
N VAL B 78 24.10 9.34 -6.28
CA VAL B 78 22.88 9.58 -5.50
C VAL B 78 23.27 10.36 -4.26
N ASN B 79 22.82 10.00 -3.07
CA ASN B 79 22.95 10.89 -1.93
C ASN B 79 24.19 10.66 -1.10
N TYR B 80 24.88 9.54 -1.25
CA TYR B 80 26.00 9.20 -0.40
C TYR B 80 26.91 8.24 -1.17
N ASN B 81 28.01 8.79 -1.69
CA ASN B 81 28.82 8.14 -2.71
C ASN B 81 30.31 8.35 -2.46
N PRO B 82 30.79 8.03 -1.27
CA PRO B 82 32.15 8.42 -0.86
C PRO B 82 33.23 7.78 -1.73
N ILE B 83 32.97 6.61 -2.31
CA ILE B 83 33.94 5.96 -3.17
C ILE B 83 33.63 6.23 -4.65
N ALA B 84 32.37 6.07 -5.03
CA ALA B 84 32.02 6.23 -6.44
C ALA B 84 32.32 7.62 -6.97
N GLU B 85 32.21 8.65 -6.14
CA GLU B 85 32.44 10.00 -6.68
C GLU B 85 33.87 10.14 -7.15
N LYS B 86 34.81 9.34 -6.66
CA LYS B 86 36.21 9.41 -7.07
C LYS B 86 36.41 8.88 -8.50
N HIS B 87 35.44 8.07 -8.94
CA HIS B 87 35.59 7.31 -10.17
C HIS B 87 34.57 7.71 -11.22
N VAL B 88 33.84 8.80 -11.00
CA VAL B 88 32.92 9.30 -12.01
C VAL B 88 33.66 9.60 -13.32
N ASN B 89 32.99 9.35 -14.43
CA ASN B 89 33.53 9.42 -15.79
C ASN B 89 34.64 8.40 -15.98
N GLY B 90 34.65 7.36 -15.19
CA GLY B 90 35.54 6.22 -15.28
C GLY B 90 34.79 4.95 -14.92
N THR B 91 35.51 3.95 -14.46
CA THR B 91 34.94 2.66 -14.13
C THR B 91 35.42 2.19 -12.75
N MET B 92 34.63 1.27 -12.21
CA MET B 92 34.97 0.48 -11.06
C MET B 92 34.63 -0.98 -11.35
N THR B 93 35.37 -1.92 -10.79
CA THR B 93 35.02 -3.31 -11.01
C THR B 93 33.93 -3.73 -10.04
N LEU B 94 33.28 -4.86 -10.33
CA LEU B 94 32.26 -5.35 -9.39
C LEU B 94 32.84 -5.69 -8.04
N ALA B 95 34.07 -6.16 -7.94
CA ALA B 95 34.72 -6.33 -6.65
C ALA B 95 34.86 -5.01 -5.91
N GLU B 96 35.32 -3.99 -6.63
CA GLU B 96 35.48 -2.68 -6.02
C GLU B 96 34.16 -2.08 -5.55
N LEU B 97 33.11 -2.29 -6.34
CA LEU B 97 31.77 -1.83 -5.99
C LEU B 97 31.24 -2.58 -4.77
N SER B 98 31.51 -3.87 -4.71
CA SER B 98 31.09 -4.67 -3.56
C SER B 98 31.77 -4.20 -2.27
N ALA B 99 33.08 -3.97 -2.35
CA ALA B 99 33.83 -3.48 -1.22
C ALA B 99 33.36 -2.09 -0.78
N ALA B 100 33.10 -1.23 -1.75
CA ALA B 100 32.62 0.11 -1.43
C ALA B 100 31.25 0.08 -0.76
N ALA B 101 30.35 -0.73 -1.31
CA ALA B 101 29.01 -0.85 -0.74
C ALA B 101 29.11 -1.37 0.69
N LEU B 102 29.90 -2.42 0.90
CA LEU B 102 29.94 -3.04 2.23
C LEU B 102 30.72 -2.23 3.25
N GLN B 103 31.90 -1.75 2.88
CA GLN B 103 32.80 -1.20 3.87
C GLN B 103 32.63 0.30 4.07
N TYR B 104 32.05 1.00 3.10
CA TYR B 104 31.78 2.43 3.21
C TYR B 104 30.30 2.77 3.10
N SER B 105 29.45 1.78 2.82
CA SER B 105 28.02 2.00 2.64
C SER B 105 27.73 2.93 1.46
N ASP B 106 28.54 2.82 0.41
CA ASP B 106 28.34 3.64 -0.79
C ASP B 106 27.07 3.24 -1.53
N ASN B 107 26.17 4.21 -1.72
CA ASN B 107 24.86 3.95 -2.29
C ASN B 107 24.90 3.82 -3.81
N THR B 108 25.77 4.54 -4.48
CA THR B 108 25.94 4.34 -5.91
C THR B 108 26.46 2.92 -6.19
N ALA B 109 27.40 2.47 -5.35
CA ALA B 109 27.94 1.12 -5.51
C ALA B 109 26.84 0.09 -5.33
N MET B 110 25.98 0.26 -4.31
CA MET B 110 24.84 -0.65 -4.16
C MET B 110 23.96 -0.67 -5.40
N ASN B 111 23.68 0.52 -5.96
CA ASN B 111 22.83 0.53 -7.16
C ASN B 111 23.49 -0.21 -8.31
N LYS B 112 24.81 -0.21 -8.43
CA LYS B 112 25.45 -0.99 -9.49
C LYS B 112 25.32 -2.48 -9.20
N LEU B 113 25.41 -2.90 -7.93
CA LEU B 113 25.18 -4.32 -7.63
C LEU B 113 23.75 -4.72 -8.00
N ILE B 114 22.78 -3.89 -7.63
CA ILE B 114 21.39 -4.18 -7.94
C ILE B 114 21.19 -4.30 -9.44
N ALA B 115 21.78 -3.39 -10.21
CA ALA B 115 21.65 -3.43 -11.67
C ALA B 115 22.29 -4.69 -12.23
N GLN B 116 23.44 -5.09 -11.69
CA GLN B 116 24.08 -6.34 -12.14
C GLN B 116 23.13 -7.52 -11.99
N LEU B 117 22.35 -7.53 -10.93
CA LEU B 117 21.44 -8.61 -10.60
C LEU B 117 20.10 -8.50 -11.30
N GLY B 118 19.89 -7.48 -12.12
CA GLY B 118 18.69 -7.28 -12.91
C GLY B 118 17.61 -6.49 -12.22
N GLY B 119 17.94 -5.79 -11.13
CA GLY B 119 17.01 -4.99 -10.38
C GLY B 119 16.80 -5.56 -8.98
N PRO B 120 16.05 -4.86 -8.14
CA PRO B 120 15.84 -5.33 -6.77
C PRO B 120 15.31 -6.76 -6.70
N GLY B 121 14.44 -7.15 -7.62
CA GLY B 121 13.93 -8.50 -7.62
C GLY B 121 15.01 -9.56 -7.82
N GLY B 122 16.13 -9.24 -8.45
CA GLY B 122 17.22 -10.20 -8.56
C GLY B 122 17.91 -10.44 -7.24
N VAL B 123 17.94 -9.43 -6.36
CA VAL B 123 18.44 -9.64 -5.00
C VAL B 123 17.49 -10.53 -4.21
N THR B 124 16.18 -10.26 -4.30
CA THR B 124 15.21 -11.13 -3.68
C THR B 124 15.30 -12.57 -4.19
N ALA B 125 15.50 -12.74 -5.50
CA ALA B 125 15.60 -14.07 -6.08
C ALA B 125 16.79 -14.83 -5.49
N PHE B 126 17.89 -14.14 -5.26
CA PHE B 126 19.04 -14.79 -4.61
C PHE B 126 18.69 -15.22 -3.20
N ALA B 127 18.03 -14.35 -2.45
CA ALA B 127 17.57 -14.72 -1.09
C ALA B 127 16.75 -16.00 -1.13
N ARG B 128 15.79 -16.07 -2.05
CA ARG B 128 14.98 -17.27 -2.16
C ARG B 128 15.83 -18.49 -2.50
N ALA B 129 16.82 -18.33 -3.37
CA ALA B 129 17.67 -19.44 -3.76
C ALA B 129 18.50 -19.99 -2.60
N ILE B 130 18.77 -19.18 -1.57
CA ILE B 130 19.51 -19.68 -0.41
C ILE B 130 18.60 -19.95 0.77
N GLY B 131 17.29 -20.00 0.54
CA GLY B 131 16.35 -20.51 1.53
C GLY B 131 15.71 -19.44 2.40
N ASP B 132 15.92 -18.16 2.07
CA ASP B 132 15.30 -17.05 2.81
C ASP B 132 14.04 -16.63 2.10
N GLU B 133 12.89 -16.97 2.69
CA GLU B 133 11.58 -16.71 2.15
C GLU B 133 10.98 -15.41 2.67
N THR B 134 11.75 -14.67 3.46
CA THR B 134 11.23 -13.49 4.17
C THR B 134 11.78 -12.19 3.60
N PHE B 135 13.07 -12.13 3.35
CA PHE B 135 13.72 -10.97 2.76
C PHE B 135 12.96 -10.48 1.53
N ARG B 136 12.86 -9.17 1.38
CA ARG B 136 12.49 -8.59 0.09
C ARG B 136 13.21 -7.27 -0.12
N LEU B 137 13.78 -7.14 -1.32
CA LEU B 137 14.27 -5.86 -1.80
C LEU B 137 13.37 -5.39 -2.95
N ASP B 138 12.84 -4.20 -2.81
CA ASP B 138 11.84 -3.63 -3.70
C ASP B 138 12.33 -2.41 -4.46
N ARG B 139 13.24 -1.65 -3.86
CA ARG B 139 13.69 -0.37 -4.36
C ARG B 139 15.21 -0.27 -4.36
N THR B 140 15.69 0.71 -5.13
CA THR B 140 17.09 1.07 -5.16
C THR B 140 17.40 2.10 -4.09
N GLU B 141 18.68 2.48 -3.99
CA GLU B 141 19.07 3.61 -3.17
C GLU B 141 18.76 4.92 -3.89
N PRO B 142 18.28 5.96 -3.20
CA PRO B 142 18.06 6.01 -1.77
C PRO B 142 16.66 5.69 -1.27
N THR B 143 15.70 5.37 -2.15
CA THR B 143 14.33 5.27 -1.66
C THR B 143 14.08 4.01 -0.83
N LEU B 144 14.97 3.02 -0.85
CA LEU B 144 14.81 1.86 0.03
C LEU B 144 14.91 2.26 1.51
N ASN B 145 15.30 3.48 1.84
CA ASN B 145 15.45 3.90 3.23
C ASN B 145 14.24 4.66 3.77
N THR B 146 13.11 4.70 3.10
CA THR B 146 12.00 5.52 3.62
C THR B 146 11.48 5.01 4.95
N ALA B 147 11.55 3.71 5.20
CA ALA B 147 11.29 3.14 6.53
C ALA B 147 9.93 3.51 7.10
N ILE B 148 8.92 3.53 6.25
CA ILE B 148 7.58 3.95 6.69
C ILE B 148 6.93 2.86 7.52
N PRO B 149 6.40 3.17 8.70
CA PRO B 149 5.77 2.13 9.52
C PRO B 149 4.66 1.40 8.75
N GLY B 150 4.72 0.07 8.81
CA GLY B 150 3.73 -0.78 8.19
C GLY B 150 4.01 -1.12 6.75
N ASP B 151 4.99 -0.46 6.13
CA ASP B 151 5.34 -0.74 4.73
C ASP B 151 6.24 -1.94 4.63
N PRO B 152 5.85 -3.01 3.96
CA PRO B 152 6.71 -4.19 3.90
C PRO B 152 7.85 -4.09 2.89
N ARG B 153 7.88 -3.06 2.06
CA ARG B 153 8.98 -2.96 1.11
C ARG B 153 10.34 -2.86 1.79
N ASP B 154 11.32 -3.57 1.23
CA ASP B 154 12.69 -3.46 1.69
C ASP B 154 12.82 -3.79 3.18
N THR B 155 12.10 -4.83 3.59
CA THR B 155 12.14 -5.32 4.96
C THR B 155 12.56 -6.79 5.04
N THR B 156 12.96 -7.16 6.26
CA THR B 156 13.07 -8.56 6.64
C THR B 156 12.79 -8.66 8.12
N THR B 157 12.84 -9.86 8.68
CA THR B 157 12.74 -10.06 10.12
C THR B 157 14.11 -10.34 10.72
N PRO B 158 14.29 -10.01 11.99
CA PRO B 158 15.59 -10.35 12.61
C PRO B 158 15.92 -11.83 12.51
N ARG B 159 14.93 -12.69 12.77
CA ARG B 159 15.18 -14.14 12.72
C ARG B 159 15.68 -14.57 11.35
N ALA B 160 15.01 -14.10 10.30
CA ALA B 160 15.39 -14.52 8.95
C ALA B 160 16.78 -14.01 8.61
N MET B 161 17.05 -12.75 8.98
CA MET B 161 18.34 -12.19 8.59
C MET B 161 19.47 -12.84 9.36
N ALA B 162 19.28 -13.17 10.63
CA ALA B 162 20.33 -13.87 11.36
C ALA B 162 20.62 -15.23 10.72
N GLN B 163 19.57 -15.97 10.38
CA GLN B 163 19.76 -17.29 9.76
C GLN B 163 20.49 -17.17 8.44
N THR B 164 20.08 -16.21 7.61
CA THR B 164 20.75 -16.00 6.33
C THR B 164 22.18 -15.55 6.52
N LEU B 165 22.44 -14.63 7.45
CA LEU B 165 23.82 -14.20 7.64
C LEU B 165 24.68 -15.36 8.12
N ARG B 166 24.14 -16.24 8.98
CA ARG B 166 24.88 -17.43 9.34
C ARG B 166 25.20 -18.29 8.11
N GLN B 167 24.20 -18.55 7.27
CA GLN B 167 24.40 -19.38 6.09
C GLN B 167 25.46 -18.79 5.15
N LEU B 168 25.45 -17.47 5.01
CA LEU B 168 26.38 -16.78 4.11
C LEU B 168 27.81 -16.75 4.63
N THR B 169 28.00 -16.53 5.92
CA THR B 169 29.31 -16.26 6.48
C THR B 169 29.95 -17.47 7.19
N LEU B 170 29.15 -18.40 7.68
CA LEU B 170 29.62 -19.58 8.41
C LEU B 170 29.20 -20.90 7.79
N GLY B 171 28.16 -20.91 6.97
CA GLY B 171 27.62 -22.08 6.33
C GLY B 171 28.01 -22.13 4.86
N HIS B 172 27.12 -22.73 4.06
CA HIS B 172 27.47 -23.11 2.70
C HIS B 172 26.53 -22.55 1.66
N ALA B 173 25.94 -21.40 1.95
CA ALA B 173 25.19 -20.71 0.91
C ALA B 173 26.07 -20.27 -0.26
N LEU B 174 27.31 -19.92 0.07
CA LEU B 174 28.31 -19.53 -0.91
C LEU B 174 29.41 -20.57 -1.01
N GLY B 175 30.15 -20.58 -2.11
CA GLY B 175 31.37 -21.38 -2.20
C GLY B 175 32.43 -20.91 -1.23
N GLU B 176 33.39 -21.77 -0.94
N GLU B 176 33.42 -21.73 -0.90
CA GLU B 176 34.41 -21.52 0.05
CA GLU B 176 34.33 -21.36 0.19
C GLU B 176 35.12 -20.19 -0.12
C GLU B 176 35.10 -20.09 -0.10
N THR B 177 35.61 -19.91 -1.32
CA THR B 177 36.34 -18.67 -1.60
C THR B 177 35.48 -17.44 -1.42
N GLN B 178 34.23 -17.59 -1.85
CA GLN B 178 33.26 -16.48 -1.82
C GLN B 178 32.82 -16.17 -0.39
N ARG B 179 32.58 -17.19 0.42
N ARG B 179 32.57 -17.20 0.41
CA ARG B 179 32.31 -17.01 1.83
CA ARG B 179 32.32 -17.04 1.83
C ARG B 179 33.45 -16.25 2.50
C ARG B 179 33.45 -16.27 2.51
N ALA B 180 34.68 -16.70 2.24
CA ALA B 180 35.84 -16.04 2.84
C ALA B 180 35.93 -14.59 2.39
N GLN B 181 35.63 -14.30 1.13
CA GLN B 181 35.65 -12.93 0.64
C GLN B 181 34.61 -12.06 1.33
N LEU B 182 33.41 -12.60 1.51
CA LEU B 182 32.38 -11.85 2.22
C LEU B 182 32.81 -11.55 3.64
N VAL B 183 33.37 -12.54 4.33
CA VAL B 183 33.83 -12.35 5.70
C VAL B 183 34.94 -11.32 5.75
N THR B 184 35.92 -11.40 4.85
CA THR B 184 36.98 -10.39 4.76
C THR B 184 36.40 -8.99 4.60
N TRP B 185 35.43 -8.85 3.71
CA TRP B 185 34.82 -7.53 3.51
C TRP B 185 34.15 -7.05 4.78
N LEU B 186 33.32 -7.88 5.40
CA LEU B 186 32.63 -7.47 6.61
C LEU B 186 33.58 -7.10 7.74
N LYS B 187 34.68 -7.85 7.88
CA LYS B 187 35.65 -7.57 8.93
C LYS B 187 36.39 -6.26 8.69
N GLY B 188 36.45 -5.80 7.46
CA GLY B 188 37.06 -4.54 7.12
C GLY B 188 36.10 -3.37 7.07
N ASN B 189 34.85 -3.54 7.52
CA ASN B 189 33.92 -2.42 7.57
C ASN B 189 34.49 -1.23 8.31
N THR B 190 34.22 -0.03 7.80
CA THR B 190 34.65 1.20 8.45
C THR B 190 33.59 1.84 9.32
N THR B 191 32.33 1.42 9.21
CA THR B 191 31.23 2.18 9.79
C THR B 191 30.68 1.64 11.10
N GLY B 192 31.26 0.58 11.66
CA GLY B 192 30.62 -0.19 12.70
C GLY B 192 31.01 0.02 14.13
N ALA B 193 32.00 0.83 14.45
CA ALA B 193 32.54 0.82 15.82
C ALA B 193 31.57 1.37 16.87
N ALA B 194 30.52 2.10 16.49
CA ALA B 194 29.57 2.67 17.44
C ALA B 194 28.33 1.81 17.63
N SER B 195 28.21 0.71 16.88
CA SER B 195 26.97 -0.06 16.84
C SER B 195 27.15 -1.37 17.61
N ILE B 196 26.84 -2.54 17.07
CA ILE B 196 27.01 -3.78 17.84
C ILE B 196 28.37 -3.90 18.50
N ARG B 197 29.40 -3.57 17.74
CA ARG B 197 30.74 -3.82 18.25
C ARG B 197 31.06 -2.96 19.45
N ALA B 198 30.44 -1.80 19.61
CA ALA B 198 30.66 -0.99 20.79
C ALA B 198 30.19 -1.69 22.06
N GLY B 199 29.25 -2.63 21.95
CA GLY B 199 28.78 -3.37 23.11
C GLY B 199 29.53 -4.65 23.42
N LEU B 200 30.57 -4.98 22.68
CA LEU B 200 31.32 -6.22 22.83
C LEU B 200 32.69 -5.94 23.43
N PRO B 201 33.25 -6.89 24.17
CA PRO B 201 34.63 -6.73 24.65
C PRO B 201 35.59 -6.52 23.49
N THR B 202 36.65 -5.75 23.71
CA THR B 202 37.54 -5.38 22.59
C THR B 202 38.30 -6.58 22.07
N SER B 203 38.51 -7.59 22.92
CA SER B 203 39.23 -8.77 22.46
C SER B 203 38.43 -9.54 21.41
N TRP B 204 37.12 -9.32 21.32
CA TRP B 204 36.33 -10.10 20.37
C TRP B 204 36.53 -9.53 18.97
N THR B 205 36.55 -10.39 17.98
CA THR B 205 36.66 -9.95 16.59
C THR B 205 35.30 -10.04 15.94
N ALA B 206 34.98 -9.13 15.03
CA ALA B 206 33.68 -9.13 14.37
C ALA B 206 33.79 -8.52 12.99
N GLY B 207 32.82 -8.88 12.16
CA GLY B 207 32.53 -8.13 10.96
C GLY B 207 31.07 -7.73 10.98
N ASP B 208 30.73 -6.61 10.35
CA ASP B 208 29.36 -6.13 10.44
C ASP B 208 29.01 -5.27 9.23
N LYS B 209 27.71 -5.07 9.06
CA LYS B 209 27.19 -4.08 8.14
C LYS B 209 26.09 -3.28 8.82
N THR B 210 26.26 -1.95 8.88
CA THR B 210 25.33 -1.01 9.46
C THR B 210 24.27 -0.62 8.45
N GLY B 211 23.21 0.00 8.94
CA GLY B 211 22.28 0.75 8.08
C GLY B 211 21.61 1.86 8.84
N SER B 212 21.18 2.86 8.11
CA SER B 212 20.51 4.03 8.66
C SER B 212 19.44 4.47 7.67
N GLY B 213 18.33 5.00 8.16
CA GLY B 213 17.31 5.52 7.29
C GLY B 213 16.39 6.48 7.99
N ASP B 214 15.29 6.80 7.31
CA ASP B 214 14.29 7.67 7.92
C ASP B 214 13.65 6.99 9.13
N TYR B 215 12.82 7.71 9.87
CA TYR B 215 12.27 7.25 11.14
C TYR B 215 13.38 6.84 12.10
N GLY B 216 14.53 7.50 11.98
CA GLY B 216 15.64 7.23 12.89
C GLY B 216 16.06 5.78 12.90
N THR B 217 15.86 5.12 11.75
CA THR B 217 16.17 3.71 11.64
C THR B 217 17.69 3.53 11.74
N THR B 218 18.07 2.64 12.64
CA THR B 218 19.47 2.43 13.00
C THR B 218 19.66 0.92 13.15
N ASN B 219 20.45 0.31 12.26
CA ASN B 219 20.54 -1.14 12.16
C ASN B 219 21.99 -1.59 12.14
N ASP B 220 22.20 -2.86 12.48
CA ASP B 220 23.50 -3.51 12.33
C ASP B 220 23.30 -5.02 12.32
N ILE B 221 24.06 -5.69 11.45
CA ILE B 221 24.08 -7.16 11.42
C ILE B 221 25.55 -7.57 11.47
N ALA B 222 25.85 -8.56 12.30
CA ALA B 222 27.24 -8.89 12.61
C ALA B 222 27.45 -10.40 12.74
N VAL B 223 28.66 -10.79 12.38
CA VAL B 223 29.21 -12.10 12.74
C VAL B 223 30.39 -11.85 13.68
N ILE B 224 30.41 -12.60 14.77
CA ILE B 224 31.24 -12.27 15.93
C ILE B 224 32.00 -13.52 16.35
N TRP B 225 33.29 -13.37 16.59
CA TRP B 225 34.12 -14.44 17.11
C TRP B 225 34.52 -14.06 18.53
N PRO B 226 33.78 -14.50 19.54
CA PRO B 226 34.16 -14.17 20.92
C PRO B 226 35.46 -14.87 21.28
N GLN B 227 36.19 -14.26 22.23
CA GLN B 227 37.43 -14.88 22.67
C GLN B 227 37.13 -16.27 23.21
N GLY B 228 37.77 -17.29 22.65
CA GLY B 228 37.73 -18.64 23.15
C GLY B 228 36.48 -19.44 22.89
N ARG B 229 35.60 -18.97 22.00
N ARG B 229 35.61 -18.94 22.00
CA ARG B 229 34.44 -19.82 21.75
CA ARG B 229 34.27 -19.45 21.78
C ARG B 229 33.89 -19.58 20.34
C ARG B 229 33.94 -19.61 20.30
N ALA B 230 32.92 -20.41 20.00
CA ALA B 230 32.35 -20.46 18.67
C ALA B 230 31.68 -19.15 18.30
N PRO B 231 31.60 -18.83 17.01
CA PRO B 231 31.02 -17.55 16.61
C PRO B 231 29.53 -17.41 16.91
N LEU B 232 29.15 -16.15 16.98
CA LEU B 232 27.79 -15.67 17.08
C LEU B 232 27.36 -14.96 15.80
N VAL B 233 26.08 -15.01 15.50
CA VAL B 233 25.50 -14.09 14.51
C VAL B 233 24.48 -13.25 15.25
N LEU B 234 24.54 -11.94 15.07
CA LEU B 234 23.66 -11.03 15.80
C LEU B 234 23.09 -9.97 14.85
N VAL B 235 21.78 -9.83 14.86
CA VAL B 235 21.08 -8.78 14.14
C VAL B 235 20.38 -7.90 15.16
N THR B 236 20.58 -6.60 15.02
CA THR B 236 19.93 -5.58 15.83
C THR B 236 19.34 -4.52 14.90
N TYR B 237 18.02 -4.44 14.91
CA TYR B 237 17.26 -3.48 14.11
C TYR B 237 16.53 -2.52 15.03
N PHE B 238 16.45 -1.24 14.67
CA PHE B 238 15.80 -0.26 15.53
C PHE B 238 15.18 0.83 14.69
N THR B 239 13.94 1.16 14.99
CA THR B 239 13.25 2.23 14.26
C THR B 239 12.32 2.99 15.19
N GLN B 240 11.99 4.21 14.82
CA GLN B 240 11.42 5.15 15.81
C GLN B 240 10.13 5.75 15.28
N PRO B 241 9.30 6.36 16.12
CA PRO B 241 8.06 6.94 15.70
C PRO B 241 8.10 8.14 14.79
N GLN B 242 9.11 8.98 14.91
CA GLN B 242 9.12 10.26 14.19
C GLN B 242 9.95 10.16 12.92
N GLN B 243 9.42 10.62 11.79
CA GLN B 243 10.12 10.49 10.53
C GLN B 243 11.52 11.08 10.57
N ASN B 244 11.69 12.17 11.31
CA ASN B 244 12.96 12.89 11.34
C ASN B 244 13.79 12.55 12.58
N ALA B 245 13.49 11.41 13.22
CA ALA B 245 14.22 11.01 14.40
C ALA B 245 15.72 10.87 14.17
N GLU B 246 16.48 11.16 15.22
CA GLU B 246 17.91 11.02 15.29
C GLU B 246 18.38 9.57 15.28
N SER B 247 19.57 9.29 14.74
CA SER B 247 20.14 7.96 14.84
C SER B 247 20.41 7.57 16.28
N ARG B 248 20.34 6.30 16.59
CA ARG B 248 20.56 5.79 17.94
C ARG B 248 21.44 4.55 17.93
N ARG B 249 22.68 4.72 17.47
CA ARG B 249 23.62 3.59 17.41
C ARG B 249 23.87 3.05 18.82
N ASP B 250 23.78 3.90 19.84
CA ASP B 250 23.93 3.49 21.22
C ASP B 250 22.94 2.43 21.64
N VAL B 251 21.73 2.44 21.08
CA VAL B 251 20.75 1.41 21.41
C VAL B 251 21.20 0.04 20.92
N LEU B 252 21.83 0.01 19.74
CA LEU B 252 22.37 -1.24 19.21
C LEU B 252 23.52 -1.73 20.06
N ALA B 253 24.41 -0.83 20.45
CA ALA B 253 25.51 -1.16 21.36
C ALA B 253 24.96 -1.71 22.67
N SER B 254 23.93 -1.07 23.22
CA SER B 254 23.34 -1.54 24.47
C SER B 254 22.72 -2.93 24.33
N ALA B 255 22.05 -3.18 23.19
CA ALA B 255 21.46 -4.50 22.96
C ALA B 255 22.56 -5.55 22.88
N ALA B 256 23.64 -5.26 22.16
CA ALA B 256 24.77 -6.19 22.06
C ALA B 256 25.40 -6.45 23.41
N ARG B 257 25.49 -5.40 24.24
CA ARG B 257 26.10 -5.56 25.57
C ARG B 257 25.26 -6.49 26.43
N ILE B 258 23.93 -6.35 26.35
CA ILE B 258 23.05 -7.28 27.06
C ILE B 258 23.29 -8.70 26.60
N ILE B 259 23.35 -8.89 25.28
CA ILE B 259 23.58 -10.22 24.71
C ILE B 259 24.93 -10.75 25.17
N ALA B 260 25.98 -9.93 25.18
CA ALA B 260 27.33 -10.40 25.49
C ALA B 260 27.45 -10.82 26.94
N GLU B 261 26.78 -10.06 27.81
CA GLU B 261 26.87 -10.28 29.24
C GLU B 261 26.00 -11.45 29.66
N GLY B 262 24.97 -11.71 28.86
CA GLY B 262 24.08 -12.84 29.01
C GLY B 262 24.64 -14.15 28.52
N LEU B 263 25.72 -14.13 27.74
CA LEU B 263 26.41 -15.36 27.35
C LEU B 263 26.75 -16.16 28.61
C LEU B 263 26.87 -16.13 28.59
P PO4 C . -25.77 5.24 -15.59
O1 PO4 C . -26.87 4.13 -15.62
O2 PO4 C . -26.30 6.46 -14.81
O3 PO4 C . -24.50 4.70 -14.98
O4 PO4 C . -25.46 5.62 -17.05
P PO4 D . -20.45 22.71 5.99
O1 PO4 D . -19.63 21.89 6.99
O2 PO4 D . -21.95 22.38 6.07
O3 PO4 D . -20.24 24.19 6.24
O4 PO4 D . -19.98 22.35 4.54
CAF SM2 E . -26.27 13.59 -19.28
CAC SM2 E . -25.72 14.70 -19.71
CAB SM2 E . -24.46 14.67 -20.15
SAD SM2 E . -24.02 13.00 -19.96
CAE SM2 E . -25.55 12.48 -19.30
CAG SM2 E . -25.80 11.05 -18.90
CAH SM2 E . -26.81 10.86 -17.77
OAI SM2 E . -27.94 11.33 -17.84
NAJ SM2 E . -26.36 10.17 -16.73
CAK SM2 E . -27.15 9.47 -15.71
B SM2 E . -26.45 9.69 -14.27
OAT SM2 E . -25.06 9.26 -14.49
OAO SM2 E . -26.53 11.17 -14.09
CAL SM2 E . -27.39 8.04 -16.19
CAQ SM2 E . -26.70 6.95 -15.68
CAM SM2 E . -28.32 7.81 -17.20
CAN SM2 E . -28.52 6.53 -17.70
CAS SM2 E . -27.83 5.43 -17.18
CAR SM2 E . -26.91 5.66 -16.17
CAU SM2 E . -26.15 4.47 -15.55
OAW SM2 E . -25.70 4.59 -14.41
OAV SM2 E . -26.01 3.41 -16.18
P PO4 F . 25.06 3.60 7.21
O1 PO4 F . 24.76 2.71 8.40
O2 PO4 F . 24.50 5.02 7.39
O3 PO4 F . 26.62 3.72 7.06
O4 PO4 F . 24.49 3.00 5.91
P PO4 G . 37.29 -20.08 -6.78
O1 PO4 G . 36.02 -20.43 -6.05
O2 PO4 G . 36.97 -18.85 -7.69
O3 PO4 G . 38.44 -19.72 -5.86
O4 PO4 G . 37.71 -21.26 -7.68
CAF SM2 H . 18.58 8.21 2.51
CAC SM2 H . 17.37 8.68 2.37
CAB SM2 H . 16.59 8.80 3.43
SAD SM2 H . 17.60 8.23 4.72
CAE SM2 H . 18.98 7.88 3.73
CAG SM2 H . 20.24 7.34 4.34
CAH SM2 H . 21.03 6.40 3.46
OAI SM2 H . 21.33 6.71 2.31
NAJ SM2 H . 21.35 5.25 4.04
CAK SM2 H . 22.42 4.31 3.66
B SM2 H . 21.86 2.80 3.79
OAT SM2 H . 21.31 2.74 5.16
OAO SM2 H . 20.75 2.79 2.79
CAL SM2 H . 23.69 4.70 4.43
CAQ SM2 H . 24.21 3.94 5.47
CAM SM2 H . 24.35 5.88 4.09
CAN SM2 H . 25.48 6.32 4.77
CAS SM2 H . 25.99 5.55 5.81
CAR SM2 H . 25.35 4.36 6.16
CAU SM2 H . 25.92 3.50 7.29
OAW SM2 H . 26.63 3.98 8.18
OAV SM2 H . 25.67 2.30 7.30
#